data_4KTB
#
_entry.id   4KTB
#
_cell.length_a   55.489
_cell.length_b   69.809
_cell.length_c   94.313
_cell.angle_alpha   90.00
_cell.angle_beta   90.04
_cell.angle_gamma   90.00
#
_symmetry.space_group_name_H-M   'P 1 21 1'
#
loop_
_entity.id
_entity.type
_entity.pdbx_description
1 polymer 'Putative uncharacterized protein'
2 non-polymer 'SODIUM ION'
3 non-polymer 'CHLORIDE ION'
4 non-polymer 1,2-ETHANEDIOL
5 water water
#
_entity_poly.entity_id   1
_entity_poly.type   'polypeptide(L)'
_entity_poly.pdbx_seq_one_letter_code
;SNA(MSE)TDTVDFPDPSFGDRPNPVGWLDAHR(MSE)DEVRSLLPLVYVDAVPVRVDESGDVIQVGLLLRATESGH
(MSE)(MSE)RALVSGRV(MSE)YHERVRDALVRHIEKDLGPVALPSIPASPQPFTVAEYFPTPGVTPFYDDRHHAVSLA
YIVPVRGDCSPQQNNLELTWLTPEEACSPRILAH(MSE)QGGQD(MSE)LLKQALAHAGRLPDLS
;
_entity_poly.pdbx_strand_id   A,B,C,D
#
# COMPACT_ATOMS: atom_id res chain seq x y z
N ARG A 34 17.51 4.53 -24.40
CA ARG A 34 16.13 4.98 -24.60
C ARG A 34 15.39 4.04 -25.55
N SER A 35 16.15 3.23 -26.28
CA SER A 35 15.57 2.34 -27.28
C SER A 35 15.88 0.88 -26.98
N LEU A 36 16.42 0.65 -25.78
CA LEU A 36 16.92 -0.68 -25.44
C LEU A 36 16.46 -1.20 -24.05
N LEU A 37 16.18 -0.29 -23.12
CA LEU A 37 15.81 -0.68 -21.74
C LEU A 37 14.83 0.31 -21.16
N PRO A 38 14.02 -0.15 -20.17
CA PRO A 38 13.12 0.78 -19.50
C PRO A 38 13.90 1.61 -18.51
N LEU A 39 13.46 2.85 -18.31
CA LEU A 39 14.15 3.77 -17.42
C LEU A 39 13.38 3.86 -16.13
N VAL A 40 14.12 3.96 -15.02
CA VAL A 40 13.51 4.17 -13.71
C VAL A 40 13.20 5.66 -13.50
N TYR A 41 11.92 5.94 -13.26
CA TYR A 41 11.42 7.28 -13.10
C TYR A 41 10.73 7.42 -11.76
N VAL A 42 10.50 8.66 -11.35
CA VAL A 42 9.56 8.96 -10.26
C VAL A 42 8.54 10.00 -10.72
N ASP A 43 7.33 9.90 -10.15
CA ASP A 43 6.35 10.96 -10.25
C ASP A 43 5.99 11.36 -8.83
N ALA A 44 5.94 12.67 -8.60
CA ALA A 44 5.50 13.18 -7.31
C ALA A 44 4.28 14.04 -7.57
N VAL A 45 3.19 13.74 -6.87
CA VAL A 45 2.01 14.60 -6.89
C VAL A 45 2.10 15.58 -5.72
N PRO A 46 2.29 16.87 -6.03
CA PRO A 46 2.55 17.84 -4.96
C PRO A 46 1.24 18.36 -4.39
N VAL A 47 1.07 18.27 -3.07
CA VAL A 47 -0.21 18.62 -2.47
C VAL A 47 -0.11 19.52 -1.25
N ARG A 48 -1.17 20.26 -1.01
CA ARG A 48 -1.36 21.00 0.23
C ARG A 48 -2.32 20.20 1.08
N VAL A 49 -1.96 20.00 2.35
CA VAL A 49 -2.81 19.23 3.24
C VAL A 49 -3.20 20.06 4.47
N ASP A 50 -4.30 19.68 5.13
CA ASP A 50 -4.61 20.25 6.43
C ASP A 50 -3.86 19.52 7.54
N GLU A 51 -4.14 19.83 8.80
CA GLU A 51 -3.43 19.15 9.89
C GLU A 51 -3.82 17.67 9.95
N SER A 52 -5.01 17.36 9.46
CA SER A 52 -5.53 15.99 9.50
C SER A 52 -4.93 15.15 8.39
N GLY A 53 -3.97 15.71 7.65
CA GLY A 53 -3.37 15.02 6.52
C GLY A 53 -4.22 15.05 5.28
N ASP A 54 -5.37 15.71 5.36
CA ASP A 54 -6.33 15.67 4.26
C ASP A 54 -5.86 16.51 3.08
N VAL A 55 -5.90 15.95 1.88
CA VAL A 55 -5.48 16.67 0.70
C VAL A 55 -6.46 17.80 0.41
N ILE A 56 -5.94 19.03 0.43
CA ILE A 56 -6.75 20.23 0.22
C ILE A 56 -6.58 20.77 -1.20
N GLN A 57 -5.33 20.87 -1.65
CA GLN A 57 -5.03 21.21 -3.04
C GLN A 57 -3.92 20.36 -3.66
N VAL A 58 -3.88 20.32 -4.99
CA VAL A 58 -2.79 19.68 -5.74
C VAL A 58 -2.06 20.75 -6.53
N GLY A 59 -0.75 20.59 -6.69
CA GLY A 59 0.03 21.56 -7.43
C GLY A 59 0.38 21.11 -8.83
N LEU A 60 -0.18 21.77 -9.84
CA LEU A 60 0.15 21.49 -11.24
C LEU A 60 1.05 22.57 -11.81
N LEU A 61 2.12 22.16 -12.47
CA LEU A 61 3.03 23.09 -13.13
C LEU A 61 2.45 23.39 -14.49
N LEU A 62 2.61 24.62 -14.95
CA LEU A 62 2.25 24.93 -16.33
C LEU A 62 3.52 25.10 -17.17
N ARG A 63 3.54 24.52 -18.36
CA ARG A 63 4.67 24.73 -19.26
C ARG A 63 4.32 24.48 -20.72
N ALA A 64 5.32 24.66 -21.58
CA ALA A 64 5.13 24.41 -23.00
C ALA A 64 5.40 22.94 -23.30
N THR A 65 4.68 22.43 -24.28
CA THR A 65 5.03 21.17 -24.92
C THR A 65 6.24 21.44 -25.83
N GLU A 66 6.83 20.39 -26.37
CA GLU A 66 7.92 20.55 -27.32
C GLU A 66 7.43 21.31 -28.57
N SER A 67 6.11 21.40 -28.72
CA SER A 67 5.50 21.94 -29.94
C SER A 67 4.93 23.34 -29.77
N GLY A 68 4.91 23.83 -28.53
CA GLY A 68 4.39 25.17 -28.28
C GLY A 68 3.06 25.17 -27.58
N HIS A 69 2.38 24.02 -27.57
CA HIS A 69 1.11 23.94 -26.86
C HIS A 69 1.34 23.95 -25.37
N ARG A 72 -0.01 20.79 -18.51
CA ARG A 72 0.09 20.82 -17.06
C ARG A 72 0.73 19.52 -16.59
N ALA A 73 1.73 19.63 -15.71
CA ALA A 73 2.59 18.50 -15.38
C ALA A 73 2.76 18.24 -13.89
N LEU A 74 2.83 16.97 -13.54
CA LEU A 74 3.24 16.54 -12.21
C LEU A 74 4.74 16.77 -12.05
N VAL A 75 5.28 16.41 -10.90
CA VAL A 75 6.72 16.48 -10.73
C VAL A 75 7.29 15.11 -11.07
N SER A 76 8.12 15.06 -12.11
CA SER A 76 8.45 13.78 -12.75
C SER A 76 9.85 13.75 -13.35
N GLY A 77 10.52 12.62 -13.21
CA GLY A 77 11.84 12.50 -13.76
C GLY A 77 12.58 11.22 -13.42
N ARG A 78 13.73 11.08 -14.05
CA ARG A 78 14.51 9.87 -14.02
C ARG A 78 15.20 9.72 -12.67
N VAL A 79 15.44 8.48 -12.25
CA VAL A 79 16.27 8.28 -11.07
C VAL A 79 17.69 8.06 -11.56
N TYR A 81 21.74 7.04 -11.75
CA TYR A 81 22.52 5.88 -11.38
C TYR A 81 23.10 6.16 -10.01
N HIS A 82 23.03 5.15 -9.14
CA HIS A 82 23.51 5.26 -7.76
C HIS A 82 22.81 6.38 -6.97
N GLU A 83 21.61 6.76 -7.39
CA GLU A 83 20.80 7.72 -6.64
C GLU A 83 19.62 6.96 -6.05
N ARG A 84 19.43 7.03 -4.73
CA ARG A 84 18.24 6.43 -4.12
C ARG A 84 16.94 7.07 -4.63
N VAL A 85 15.86 6.30 -4.65
CA VAL A 85 14.59 6.81 -5.14
C VAL A 85 14.10 8.01 -4.33
N ARG A 86 14.13 7.88 -3.00
CA ARG A 86 13.63 8.94 -2.14
C ARG A 86 14.44 10.22 -2.33
N ASP A 87 15.71 10.06 -2.71
CA ASP A 87 16.60 11.19 -3.00
C ASP A 87 16.29 11.81 -4.36
N ALA A 88 15.98 10.97 -5.34
CA ALA A 88 15.49 11.47 -6.62
C ALA A 88 14.22 12.28 -6.39
N LEU A 89 13.40 11.88 -5.41
CA LEU A 89 12.19 12.62 -5.11
C LEU A 89 12.56 14.01 -4.63
N VAL A 90 13.49 14.05 -3.68
CA VAL A 90 13.95 15.32 -3.15
C VAL A 90 14.48 16.22 -4.25
N ARG A 91 15.34 15.64 -5.09
CA ARG A 91 15.96 16.38 -6.18
C ARG A 91 14.95 16.95 -7.14
N HIS A 92 13.89 16.19 -7.43
CA HIS A 92 12.95 16.63 -8.46
C HIS A 92 12.00 17.67 -7.91
N ILE A 93 11.73 17.57 -6.61
CA ILE A 93 10.91 18.57 -5.95
C ILE A 93 11.61 19.92 -5.91
N GLU A 94 12.88 19.93 -5.51
CA GLU A 94 13.65 21.15 -5.48
C GLU A 94 13.73 21.75 -6.89
N LYS A 95 14.01 20.89 -7.86
CA LYS A 95 14.18 21.27 -9.27
C LYS A 95 12.97 21.97 -9.88
N ASP A 96 11.76 21.53 -9.52
CA ASP A 96 10.55 22.09 -10.13
C ASP A 96 9.88 23.18 -9.28
N LEU A 97 10.08 23.13 -7.96
CA LEU A 97 9.28 23.95 -7.03
C LEU A 97 10.11 24.85 -6.14
N GLY A 98 11.44 24.80 -6.32
CA GLY A 98 12.32 25.61 -5.52
C GLY A 98 12.80 24.88 -4.27
N PRO A 99 13.87 25.40 -3.64
CA PRO A 99 14.56 24.74 -2.54
C PRO A 99 13.88 24.90 -1.21
N VAL A 100 12.80 25.66 -1.15
CA VAL A 100 12.12 25.81 0.12
C VAL A 100 10.69 25.26 0.10
N ALA A 101 10.41 24.34 -0.82
CA ALA A 101 9.06 23.75 -0.92
C ALA A 101 8.73 22.91 0.31
N LEU A 102 9.78 22.44 0.98
CA LEU A 102 9.63 21.61 2.18
C LEU A 102 8.71 20.41 1.97
N PRO A 103 9.09 19.52 1.05
CA PRO A 103 8.27 18.33 0.83
C PRO A 103 8.32 17.39 2.04
N SER A 104 7.25 16.64 2.27
CA SER A 104 7.29 15.51 3.20
C SER A 104 7.49 14.23 2.41
N ILE A 105 8.74 13.82 2.23
CA ILE A 105 9.04 12.56 1.57
C ILE A 105 8.53 11.41 2.44
N PRO A 106 7.78 10.48 1.84
CA PRO A 106 7.20 9.42 2.66
C PRO A 106 8.31 8.58 3.26
N ALA A 107 8.11 8.15 4.50
CA ALA A 107 9.04 7.26 5.15
C ALA A 107 9.13 5.97 4.34
N SER A 108 7.99 5.57 3.77
CA SER A 108 7.87 4.33 3.02
C SER A 108 8.19 4.44 1.53
N PRO A 109 9.03 3.52 1.03
CA PRO A 109 9.33 3.42 -0.40
C PRO A 109 8.16 2.86 -1.24
N GLN A 110 7.08 2.45 -0.60
CA GLN A 110 5.95 1.92 -1.36
C GLN A 110 5.22 3.04 -2.10
N PRO A 111 5.21 3.01 -3.44
CA PRO A 111 4.48 4.08 -4.10
C PRO A 111 3.00 3.81 -4.05
N PHE A 112 2.19 4.79 -4.39
CA PHE A 112 0.77 4.51 -4.44
C PHE A 112 0.45 3.74 -5.71
N THR A 113 1.33 3.81 -6.69
CA THR A 113 1.16 3.01 -7.90
C THR A 113 2.45 3.00 -8.67
N VAL A 114 2.45 2.23 -9.74
CA VAL A 114 3.53 2.27 -10.70
C VAL A 114 2.93 2.60 -12.05
N ALA A 115 3.43 3.67 -12.66
CA ALA A 115 2.92 4.14 -13.94
C ALA A 115 3.93 3.76 -15.03
N GLU A 116 3.48 2.95 -15.97
CA GLU A 116 4.37 2.42 -16.97
C GLU A 116 4.12 3.13 -18.29
N TYR A 117 4.91 4.17 -18.52
CA TYR A 117 4.81 4.94 -19.74
C TYR A 117 5.46 4.18 -20.86
N PHE A 118 4.65 3.77 -21.82
CA PHE A 118 5.16 3.03 -22.99
C PHE A 118 5.46 3.93 -24.16
N PRO A 119 6.45 3.54 -24.97
CA PRO A 119 6.82 4.34 -26.14
C PRO A 119 5.82 4.15 -27.25
N THR A 120 4.85 3.27 -27.04
CA THR A 120 3.77 3.08 -27.99
C THR A 120 2.51 3.50 -27.29
N PRO A 121 1.67 4.33 -27.95
CA PRO A 121 0.40 4.61 -27.29
C PRO A 121 -0.51 3.39 -27.36
N GLY A 122 -1.29 3.15 -26.32
CA GLY A 122 -2.33 2.13 -26.38
C GLY A 122 -2.00 0.84 -25.66
N VAL A 123 -0.83 0.79 -25.03
CA VAL A 123 -0.38 -0.42 -24.37
C VAL A 123 -0.70 -0.37 -22.89
N THR A 124 -0.33 0.73 -22.26
CA THR A 124 -0.77 0.97 -20.89
C THR A 124 -1.51 2.28 -20.92
N PRO A 125 -2.08 2.69 -19.78
CA PRO A 125 -2.64 4.05 -19.77
C PRO A 125 -1.57 5.13 -19.92
N PHE A 126 -0.31 4.74 -20.04
CA PHE A 126 0.76 5.71 -20.02
C PHE A 126 1.64 5.71 -21.29
N TYR A 127 2.01 6.91 -21.71
CA TYR A 127 2.69 7.09 -22.97
C TYR A 127 3.76 8.17 -22.94
N ASP A 128 4.91 7.86 -23.51
CA ASP A 128 6.00 8.82 -23.63
C ASP A 128 6.64 8.56 -24.99
N ASP A 129 6.86 9.62 -25.75
CA ASP A 129 7.32 9.43 -27.11
C ASP A 129 8.83 9.22 -27.17
N ARG A 130 9.52 9.30 -26.04
CA ARG A 130 10.97 9.17 -26.06
C ARG A 130 11.43 7.85 -25.47
N HIS A 131 10.64 7.30 -24.56
CA HIS A 131 11.15 6.20 -23.78
C HIS A 131 10.10 5.26 -23.26
N HIS A 132 10.57 4.14 -22.73
CA HIS A 132 9.78 3.29 -21.87
C HIS A 132 10.25 3.66 -20.47
N ALA A 133 9.37 4.30 -19.71
CA ALA A 133 9.66 4.64 -18.32
C ALA A 133 8.72 3.90 -17.38
N VAL A 134 9.31 3.29 -16.37
CA VAL A 134 8.57 2.66 -15.30
C VAL A 134 8.69 3.58 -14.10
N SER A 135 7.59 4.19 -13.70
CA SER A 135 7.65 5.25 -12.71
C SER A 135 6.97 4.91 -11.38
N LEU A 136 7.70 5.11 -10.30
CA LEU A 136 7.16 4.97 -8.95
C LEU A 136 6.54 6.28 -8.51
N ALA A 137 5.22 6.27 -8.31
CA ALA A 137 4.50 7.50 -8.12
C ALA A 137 4.21 7.71 -6.66
N TYR A 138 4.40 8.95 -6.20
CA TYR A 138 4.08 9.27 -4.82
C TYR A 138 3.30 10.55 -4.73
N ILE A 139 2.44 10.63 -3.72
CA ILE A 139 1.84 11.89 -3.34
C ILE A 139 2.78 12.57 -2.34
N VAL A 140 3.20 13.79 -2.65
CA VAL A 140 4.15 14.49 -1.80
C VAL A 140 3.57 15.80 -1.25
N PRO A 141 3.28 15.82 0.06
CA PRO A 141 2.83 17.12 0.57
C PRO A 141 4.04 18.01 0.63
N VAL A 142 3.85 19.29 0.34
CA VAL A 142 4.92 20.27 0.48
C VAL A 142 4.52 21.20 1.58
N ARG A 143 5.47 21.45 2.48
CA ARG A 143 5.16 22.18 3.70
C ARG A 143 5.59 23.64 3.61
N GLY A 144 6.39 23.98 2.60
CA GLY A 144 6.90 25.34 2.47
C GLY A 144 6.42 26.04 1.20
N ASP A 145 6.97 27.22 0.94
CA ASP A 145 6.56 27.98 -0.22
C ASP A 145 7.21 27.41 -1.48
N CYS A 146 6.47 27.45 -2.58
CA CYS A 146 6.93 26.90 -3.84
C CYS A 146 6.92 27.97 -4.91
N SER A 147 7.80 27.83 -5.90
CA SER A 147 7.72 28.69 -7.06
C SER A 147 8.17 27.88 -8.26
N PRO A 148 7.41 27.97 -9.37
CA PRO A 148 7.74 27.18 -10.57
C PRO A 148 9.13 27.48 -11.08
N GLN A 149 9.96 26.46 -11.23
CA GLN A 149 11.35 26.68 -11.63
C GLN A 149 11.66 26.31 -13.08
N GLN A 150 12.73 26.91 -13.60
CA GLN A 150 13.30 26.53 -14.90
C GLN A 150 12.28 26.61 -16.05
N ASN A 151 11.99 25.48 -16.70
CA ASN A 151 11.05 25.52 -17.81
C ASN A 151 9.59 25.54 -17.39
N ASN A 152 9.35 25.65 -16.09
CA ASN A 152 8.00 25.78 -15.56
C ASN A 152 7.47 27.21 -15.54
N LEU A 153 6.47 27.46 -16.38
CA LEU A 153 5.91 28.80 -16.51
C LEU A 153 5.12 29.25 -15.29
N GLU A 154 4.47 28.31 -14.63
CA GLU A 154 3.59 28.66 -13.54
C GLU A 154 3.34 27.43 -12.66
N LEU A 155 2.83 27.66 -11.45
CA LEU A 155 2.43 26.59 -10.57
C LEU A 155 0.98 26.82 -10.16
N THR A 156 0.12 25.82 -10.36
CA THR A 156 -1.30 26.01 -10.10
C THR A 156 -1.80 25.14 -8.95
N TRP A 157 -2.36 25.76 -7.93
CA TRP A 157 -2.94 25.02 -6.83
C TRP A 157 -4.44 24.93 -7.02
N LEU A 158 -4.94 23.71 -7.13
CA LEU A 158 -6.34 23.49 -7.46
C LEU A 158 -6.95 22.54 -6.43
N THR A 159 -8.23 22.74 -6.13
CA THR A 159 -8.95 21.74 -5.33
C THR A 159 -9.11 20.55 -6.26
N PRO A 160 -9.37 19.36 -5.68
CA PRO A 160 -9.66 18.16 -6.45
C PRO A 160 -10.68 18.44 -7.55
N GLU A 161 -11.79 19.07 -7.21
CA GLU A 161 -12.78 19.43 -8.20
C GLU A 161 -12.10 20.17 -9.34
N GLU A 162 -11.35 21.20 -8.98
CA GLU A 162 -10.70 22.06 -9.96
C GLU A 162 -9.73 21.26 -10.83
N ALA A 163 -8.87 20.49 -10.16
CA ALA A 163 -7.87 19.66 -10.84
C ALA A 163 -8.50 18.67 -11.81
N CYS A 164 -9.71 18.21 -11.50
CA CYS A 164 -10.37 17.24 -12.37
C CYS A 164 -11.31 17.91 -13.36
N SER A 165 -11.16 19.21 -13.55
CA SER A 165 -11.89 19.88 -14.61
C SER A 165 -11.41 19.30 -15.94
N PRO A 166 -12.34 19.06 -16.87
CA PRO A 166 -12.04 18.52 -18.20
C PRO A 166 -10.86 19.24 -18.84
N ARG A 167 -10.94 20.57 -18.90
CA ARG A 167 -9.92 21.38 -19.54
C ARG A 167 -8.56 21.14 -18.92
N ILE A 168 -8.57 21.00 -17.60
CA ILE A 168 -7.33 20.79 -16.88
C ILE A 168 -6.71 19.46 -17.29
N LEU A 169 -7.47 18.39 -17.13
CA LEU A 169 -6.98 17.06 -17.44
C LEU A 169 -6.64 16.96 -18.91
N ALA A 170 -7.38 17.70 -19.74
CA ALA A 170 -7.09 17.76 -21.16
C ALA A 170 -5.65 18.21 -21.35
N HIS A 171 -5.22 19.16 -20.53
CA HIS A 171 -3.91 19.76 -20.70
C HIS A 171 -2.76 18.81 -20.35
N GLN A 173 -0.38 15.23 -20.23
CA GLN A 173 0.21 14.48 -21.32
C GLN A 173 0.56 13.08 -20.90
N GLY A 174 0.61 12.18 -21.87
CA GLY A 174 1.07 10.83 -21.62
C GLY A 174 0.28 10.10 -20.56
N GLY A 175 -0.98 10.48 -20.37
CA GLY A 175 -1.84 9.83 -19.41
C GLY A 175 -1.68 10.27 -17.96
N GLN A 176 -0.92 11.35 -17.75
CA GLN A 176 -0.73 11.88 -16.41
C GLN A 176 -2.02 12.37 -15.78
N ASP A 177 -3.03 12.65 -16.62
CA ASP A 177 -4.33 13.00 -16.08
C ASP A 177 -4.87 11.82 -15.30
N LEU A 179 -3.00 9.35 -13.97
CA LEU A 179 -2.13 9.16 -12.81
C LEU A 179 -2.57 10.11 -11.70
N LEU A 180 -2.98 11.32 -12.09
CA LEU A 180 -3.49 12.27 -11.13
C LEU A 180 -4.76 11.75 -10.44
N LYS A 181 -5.64 11.13 -11.21
CA LYS A 181 -6.86 10.56 -10.68
C LYS A 181 -6.59 9.39 -9.76
N GLN A 182 -5.64 8.56 -10.16
CA GLN A 182 -5.20 7.49 -9.28
C GLN A 182 -4.67 8.06 -7.98
N ALA A 183 -3.98 9.20 -8.05
CA ALA A 183 -3.38 9.80 -6.87
C ALA A 183 -4.47 10.33 -5.93
N LEU A 184 -5.46 10.99 -6.51
CA LEU A 184 -6.62 11.47 -5.78
C LEU A 184 -7.43 10.32 -5.22
N ALA A 185 -7.60 9.28 -6.02
CA ALA A 185 -8.28 8.08 -5.57
C ALA A 185 -7.55 7.55 -4.34
N HIS A 186 -6.23 7.38 -4.45
CA HIS A 186 -5.44 6.86 -3.33
C HIS A 186 -5.67 7.68 -2.07
N ALA A 187 -5.72 9.01 -2.22
CA ALA A 187 -5.90 9.92 -1.10
C ALA A 187 -7.34 9.96 -0.59
N GLY A 188 -8.24 9.28 -1.30
CA GLY A 188 -9.64 9.30 -0.95
C GLY A 188 -10.26 10.66 -1.25
N ARG A 189 -9.83 11.27 -2.35
CA ARG A 189 -10.32 12.60 -2.69
C ARG A 189 -10.59 12.72 -4.19
N LEU A 190 -10.88 11.60 -4.83
CA LEU A 190 -11.29 11.67 -6.23
C LEU A 190 -12.71 12.22 -6.31
N PRO A 191 -12.94 13.26 -7.11
CA PRO A 191 -14.26 13.90 -7.19
C PRO A 191 -15.34 13.03 -7.82
N ASP A 192 -16.54 13.08 -7.25
CA ASP A 192 -17.69 12.47 -7.91
C ASP A 192 -17.85 13.14 -9.26
N LEU A 193 -18.05 14.46 -9.24
CA LEU A 193 -18.11 15.25 -10.45
C LEU A 193 -16.99 16.27 -10.48
N SER B 35 26.16 -0.37 -15.97
CA SER B 35 27.19 0.56 -16.38
C SER B 35 26.86 2.01 -16.03
N LEU B 36 25.72 2.50 -16.54
CA LEU B 36 25.42 3.92 -16.43
C LEU B 36 23.95 4.24 -16.12
N LEU B 37 23.08 3.23 -16.23
CA LEU B 37 21.67 3.39 -15.90
C LEU B 37 21.33 2.44 -14.78
N PRO B 38 20.38 2.83 -13.93
CA PRO B 38 19.84 1.84 -13.00
C PRO B 38 18.85 0.96 -13.76
N LEU B 39 18.72 -0.29 -13.35
CA LEU B 39 17.90 -1.26 -14.06
C LEU B 39 16.59 -1.47 -13.35
N VAL B 40 15.51 -1.51 -14.13
CA VAL B 40 14.20 -1.94 -13.66
C VAL B 40 14.21 -3.44 -13.39
N TYR B 41 13.84 -3.82 -12.17
CA TYR B 41 13.82 -5.21 -11.76
C TYR B 41 12.50 -5.49 -11.07
N VAL B 42 12.14 -6.77 -10.94
CA VAL B 42 11.11 -7.20 -10.01
C VAL B 42 11.68 -8.28 -9.12
N ASP B 43 11.15 -8.39 -7.92
CA ASP B 43 11.45 -9.52 -7.03
C ASP B 43 10.11 -10.13 -6.68
N ALA B 44 9.97 -11.42 -6.94
CA ALA B 44 8.72 -12.08 -6.61
C ALA B 44 8.97 -13.02 -5.45
N VAL B 45 8.14 -12.91 -4.41
CA VAL B 45 8.21 -13.83 -3.27
C VAL B 45 7.10 -14.87 -3.37
N PRO B 46 7.45 -16.10 -3.80
CA PRO B 46 6.40 -17.11 -3.96
C PRO B 46 5.91 -17.60 -2.62
N VAL B 47 4.61 -17.84 -2.50
CA VAL B 47 4.07 -18.35 -1.25
C VAL B 47 2.93 -19.32 -1.47
N ARG B 48 2.83 -20.27 -0.56
CA ARG B 48 1.61 -21.07 -0.40
C ARG B 48 0.73 -20.35 0.59
N VAL B 49 -0.48 -20.02 0.18
CA VAL B 49 -1.45 -19.42 1.09
C VAL B 49 -2.58 -20.38 1.39
N ASP B 50 -3.19 -20.27 2.56
CA ASP B 50 -4.38 -21.08 2.84
C ASP B 50 -5.65 -20.48 2.24
N GLU B 51 -6.80 -21.02 2.65
CA GLU B 51 -8.09 -20.62 2.12
C GLU B 51 -8.33 -19.13 2.31
N SER B 52 -7.84 -18.59 3.42
CA SER B 52 -8.04 -17.18 3.78
C SER B 52 -6.90 -16.27 3.33
N GLY B 53 -6.09 -16.77 2.40
CA GLY B 53 -4.97 -16.00 1.87
C GLY B 53 -3.82 -15.82 2.82
N ASP B 54 -3.82 -16.56 3.93
CA ASP B 54 -2.79 -16.42 4.94
C ASP B 54 -1.55 -17.20 4.51
N VAL B 55 -0.39 -16.56 4.59
CA VAL B 55 0.84 -17.20 4.13
C VAL B 55 1.25 -18.32 5.06
N ILE B 56 1.33 -19.53 4.53
CA ILE B 56 1.71 -20.68 5.32
C ILE B 56 3.14 -21.09 4.99
N GLN B 57 3.49 -21.01 3.71
CA GLN B 57 4.84 -21.32 3.25
C GLN B 57 5.41 -20.33 2.23
N VAL B 58 6.71 -20.09 2.31
CA VAL B 58 7.40 -19.37 1.25
C VAL B 58 8.37 -20.31 0.57
N GLY B 59 8.60 -20.11 -0.72
CA GLY B 59 9.50 -20.98 -1.45
C GLY B 59 10.81 -20.27 -1.71
N LEU B 60 11.93 -20.96 -1.56
CA LEU B 60 13.24 -20.36 -1.81
C LEU B 60 14.03 -21.22 -2.75
N LEU B 61 14.58 -20.57 -3.77
CA LEU B 61 15.29 -21.30 -4.80
C LEU B 61 16.75 -21.52 -4.39
N LEU B 62 17.18 -22.76 -4.34
CA LEU B 62 18.57 -23.04 -4.01
C LEU B 62 19.41 -23.09 -5.29
N ARG B 63 20.43 -22.25 -5.38
CA ARG B 63 21.32 -22.29 -6.54
C ARG B 63 22.74 -21.99 -6.12
N ALA B 64 23.67 -22.08 -7.07
CA ALA B 64 25.05 -21.74 -6.76
C ALA B 64 25.42 -20.34 -7.23
N THR B 65 26.31 -19.72 -6.48
CA THR B 65 26.96 -18.47 -6.85
C THR B 65 28.02 -18.76 -7.91
N GLU B 66 28.62 -17.70 -8.47
CA GLU B 66 29.72 -17.86 -9.41
C GLU B 66 30.90 -18.55 -8.73
N SER B 67 31.03 -18.38 -7.42
CA SER B 67 32.11 -19.02 -6.68
C SER B 67 31.76 -20.47 -6.42
N GLY B 68 30.57 -20.85 -6.89
CA GLY B 68 30.08 -22.21 -6.70
C GLY B 68 29.61 -22.40 -5.28
N HIS B 69 29.31 -21.30 -4.61
CA HIS B 69 28.83 -21.39 -3.24
C HIS B 69 27.32 -21.42 -3.23
N ARG B 72 20.34 -19.18 -1.43
CA ARG B 72 18.90 -19.25 -1.55
C ARG B 72 18.51 -17.96 -2.22
N ALA B 73 17.42 -17.96 -2.97
CA ALA B 73 17.06 -16.81 -3.79
C ALA B 73 15.57 -16.61 -3.93
N LEU B 74 15.16 -15.38 -4.25
CA LEU B 74 13.79 -15.09 -4.63
C LEU B 74 13.66 -15.23 -6.13
N VAL B 75 12.43 -15.04 -6.61
CA VAL B 75 12.20 -15.00 -8.04
C VAL B 75 12.50 -13.59 -8.51
N SER B 76 13.61 -13.45 -9.23
CA SER B 76 14.19 -12.14 -9.52
C SER B 76 14.75 -11.98 -10.93
N GLY B 77 14.56 -10.80 -11.50
CA GLY B 77 15.13 -10.49 -12.81
C GLY B 77 14.70 -9.18 -13.43
N ARG B 78 15.26 -8.90 -14.59
CA ARG B 78 15.02 -7.68 -15.34
C ARG B 78 13.61 -7.59 -15.85
N VAL B 79 13.09 -6.37 -15.97
CA VAL B 79 11.93 -6.14 -16.82
C VAL B 79 12.49 -5.74 -18.17
N TYR B 81 12.65 -4.25 -22.15
CA TYR B 81 12.17 -3.06 -22.82
C TYR B 81 10.82 -3.41 -23.43
N HIS B 82 9.86 -2.51 -23.26
CA HIS B 82 8.52 -2.68 -23.80
C HIS B 82 7.74 -3.86 -23.19
N GLU B 83 8.17 -4.36 -22.03
CA GLU B 83 7.44 -5.40 -21.31
C GLU B 83 6.73 -4.81 -20.09
N ARG B 84 5.50 -5.24 -19.82
CA ARG B 84 4.82 -4.83 -18.58
C ARG B 84 5.39 -5.53 -17.35
N VAL B 85 5.50 -4.80 -16.25
CA VAL B 85 5.92 -5.35 -14.96
C VAL B 85 5.17 -6.63 -14.56
N ARG B 86 3.86 -6.64 -14.73
CA ARG B 86 3.09 -7.82 -14.36
C ARG B 86 3.39 -8.96 -15.33
N ASP B 87 3.72 -8.61 -16.57
CA ASP B 87 4.11 -9.63 -17.54
C ASP B 87 5.48 -10.20 -17.23
N ALA B 88 6.33 -9.37 -16.64
CA ALA B 88 7.66 -9.82 -16.24
C ALA B 88 7.55 -10.75 -15.03
N LEU B 89 6.58 -10.48 -14.17
CA LEU B 89 6.36 -11.34 -13.01
C LEU B 89 5.96 -12.73 -13.52
N VAL B 90 5.01 -12.75 -14.45
CA VAL B 90 4.58 -13.98 -15.08
C VAL B 90 5.77 -14.72 -15.70
N ARG B 91 6.63 -13.98 -16.40
CA ARG B 91 7.73 -14.59 -17.13
C ARG B 91 8.83 -15.13 -16.21
N HIS B 92 9.17 -14.38 -15.18
CA HIS B 92 10.24 -14.82 -14.30
C HIS B 92 9.77 -15.98 -13.44
N ILE B 93 8.51 -15.89 -13.01
CA ILE B 93 7.90 -16.99 -12.25
C ILE B 93 8.00 -18.28 -13.03
N GLU B 94 7.57 -18.23 -14.29
CA GLU B 94 7.61 -19.40 -15.14
C GLU B 94 9.07 -19.83 -15.40
N LYS B 95 9.95 -18.85 -15.55
CA LYS B 95 11.37 -19.08 -15.79
C LYS B 95 11.98 -19.88 -14.64
N ASP B 96 11.51 -19.62 -13.43
CA ASP B 96 12.07 -20.26 -12.25
C ASP B 96 11.24 -21.46 -11.77
N LEU B 97 9.91 -21.31 -11.77
CA LEU B 97 9.03 -22.32 -11.14
C LEU B 97 8.34 -23.30 -12.08
N GLY B 98 8.35 -23.03 -13.38
CA GLY B 98 7.70 -23.90 -14.34
C GLY B 98 6.44 -23.34 -15.01
N PRO B 99 5.93 -24.07 -16.01
CA PRO B 99 4.75 -23.66 -16.78
C PRO B 99 3.44 -23.81 -16.03
N VAL B 100 3.43 -24.56 -14.94
CA VAL B 100 2.17 -24.80 -14.25
C VAL B 100 2.13 -24.38 -12.79
N ALA B 101 3.05 -23.51 -12.38
CA ALA B 101 3.08 -22.95 -11.03
C ALA B 101 1.80 -22.20 -10.69
N LEU B 102 1.14 -21.67 -11.72
CA LEU B 102 -0.11 -20.94 -11.57
C LEU B 102 0.01 -19.81 -10.55
N PRO B 103 0.83 -18.80 -10.86
CA PRO B 103 1.05 -17.69 -9.92
C PRO B 103 -0.20 -16.84 -9.80
N SER B 104 -0.46 -16.31 -8.61
CA SER B 104 -1.45 -15.25 -8.52
C SER B 104 -0.73 -13.91 -8.57
N ILE B 105 -0.65 -13.35 -9.78
CA ILE B 105 -0.02 -12.04 -9.93
C ILE B 105 -0.98 -10.98 -9.43
N PRO B 106 -0.50 -10.14 -8.48
CA PRO B 106 -1.33 -9.13 -7.84
C PRO B 106 -2.05 -8.24 -8.85
N ALA B 107 -3.31 -7.94 -8.57
CA ALA B 107 -4.11 -7.11 -9.46
C ALA B 107 -3.52 -5.71 -9.54
N SER B 108 -3.16 -5.15 -8.39
CA SER B 108 -2.58 -3.80 -8.34
C SER B 108 -1.08 -3.80 -8.56
N PRO B 109 -0.58 -2.86 -9.37
CA PRO B 109 0.86 -2.72 -9.52
C PRO B 109 1.59 -2.19 -8.28
N GLN B 110 0.85 -1.73 -7.27
CA GLN B 110 1.50 -1.29 -6.03
C GLN B 110 2.23 -2.47 -5.40
N PRO B 111 3.58 -2.42 -5.39
CA PRO B 111 4.40 -3.50 -4.82
C PRO B 111 4.42 -3.41 -3.31
N PHE B 112 4.88 -4.44 -2.59
CA PHE B 112 4.86 -4.30 -1.15
C PHE B 112 5.95 -3.35 -0.67
N THR B 113 7.09 -3.35 -1.36
CA THR B 113 8.16 -2.39 -1.09
C THR B 113 8.95 -2.20 -2.33
N VAL B 114 9.94 -1.32 -2.27
CA VAL B 114 10.91 -1.18 -3.33
C VAL B 114 12.28 -1.52 -2.76
N ALA B 115 12.95 -2.47 -3.38
CA ALA B 115 14.30 -2.85 -2.96
C ALA B 115 15.32 -2.31 -3.97
N GLU B 116 16.20 -1.44 -3.50
CA GLU B 116 17.16 -0.78 -4.37
C GLU B 116 18.56 -1.40 -4.22
N TYR B 117 18.90 -2.29 -5.14
CA TYR B 117 20.20 -2.95 -5.14
C TYR B 117 21.24 -2.00 -5.72
N PHE B 118 22.11 -1.49 -4.85
CA PHE B 118 23.21 -0.63 -5.29
C PHE B 118 24.45 -1.48 -5.48
N PRO B 119 25.32 -1.08 -6.42
CA PRO B 119 26.55 -1.86 -6.62
C PRO B 119 27.59 -1.49 -5.59
N THR B 120 27.24 -0.60 -4.67
CA THR B 120 28.10 -0.30 -3.55
C THR B 120 27.43 -0.84 -2.30
N PRO B 121 28.16 -1.69 -1.55
CA PRO B 121 27.54 -2.25 -0.36
C PRO B 121 27.30 -1.18 0.68
N GLY B 122 26.32 -1.41 1.56
CA GLY B 122 26.11 -0.53 2.69
C GLY B 122 25.27 0.68 2.37
N VAL B 123 25.07 0.95 1.09
CA VAL B 123 24.35 2.16 0.71
C VAL B 123 22.88 2.04 1.03
N THR B 124 22.32 0.88 0.75
CA THR B 124 20.95 0.57 1.10
C THR B 124 21.03 -0.80 1.75
N PRO B 125 19.89 -1.34 2.23
CA PRO B 125 20.03 -2.71 2.73
C PRO B 125 20.37 -3.72 1.64
N PHE B 126 20.37 -3.30 0.37
CA PHE B 126 20.51 -4.24 -0.73
C PHE B 126 21.70 -3.93 -1.65
N TYR B 127 22.24 -4.97 -2.26
CA TYR B 127 23.48 -4.86 -3.01
C TYR B 127 23.53 -5.87 -4.14
N ASP B 128 24.17 -5.48 -5.24
CA ASP B 128 24.47 -6.39 -6.31
C ASP B 128 25.74 -5.93 -7.01
N ASP B 129 26.72 -6.80 -7.11
CA ASP B 129 28.01 -6.40 -7.64
C ASP B 129 27.91 -5.95 -9.09
N ARG B 130 26.86 -6.36 -9.78
CA ARG B 130 26.80 -6.14 -11.21
C ARG B 130 26.25 -4.79 -11.60
N HIS B 131 25.34 -4.24 -10.80
CA HIS B 131 24.66 -3.02 -11.23
C HIS B 131 23.84 -2.35 -10.13
N HIS B 132 23.27 -1.20 -10.48
CA HIS B 132 22.24 -0.57 -9.68
C HIS B 132 20.88 -1.02 -10.20
N ALA B 133 20.13 -1.75 -9.37
CA ALA B 133 18.83 -2.27 -9.77
C ALA B 133 17.72 -1.79 -8.83
N VAL B 134 16.67 -1.26 -9.43
CA VAL B 134 15.51 -0.83 -8.68
C VAL B 134 14.42 -1.86 -8.90
N SER B 135 14.17 -2.66 -7.88
CA SER B 135 13.33 -3.83 -7.99
C SER B 135 11.99 -3.57 -7.34
N LEU B 136 10.93 -3.94 -8.05
CA LEU B 136 9.56 -3.83 -7.55
C LEU B 136 9.17 -5.17 -6.93
N ALA B 137 8.95 -5.20 -5.62
CA ALA B 137 8.81 -6.46 -4.94
C ALA B 137 7.34 -6.79 -4.68
N TYR B 138 6.96 -8.02 -5.01
CA TYR B 138 5.60 -8.47 -4.77
C TYR B 138 5.54 -9.79 -4.05
N ILE B 139 4.45 -9.99 -3.32
CA ILE B 139 4.11 -11.32 -2.86
C ILE B 139 3.33 -12.01 -3.98
N VAL B 140 3.77 -13.20 -4.37
CA VAL B 140 3.08 -13.90 -5.43
C VAL B 140 2.64 -15.28 -4.98
N PRO B 141 1.35 -15.42 -4.68
CA PRO B 141 0.88 -16.76 -4.30
C PRO B 141 1.00 -17.72 -5.47
N VAL B 142 1.53 -18.91 -5.21
CA VAL B 142 1.54 -19.95 -6.21
C VAL B 142 0.60 -21.04 -5.79
N ARG B 143 -0.23 -21.47 -6.73
CA ARG B 143 -1.30 -22.38 -6.40
C ARG B 143 -1.13 -23.72 -7.08
N GLY B 144 -0.17 -23.82 -7.99
CA GLY B 144 0.06 -25.05 -8.73
C GLY B 144 1.29 -25.84 -8.35
N ASP B 145 1.67 -26.80 -9.19
CA ASP B 145 2.89 -27.57 -9.00
C ASP B 145 4.08 -26.71 -9.42
N CYS B 146 5.08 -26.63 -8.56
CA CYS B 146 6.26 -25.83 -8.82
C CYS B 146 7.52 -26.70 -8.75
N SER B 147 8.43 -26.47 -9.68
CA SER B 147 9.60 -27.31 -9.78
C SER B 147 10.80 -26.47 -10.20
N PRO B 148 11.98 -26.75 -9.61
CA PRO B 148 13.17 -25.98 -10.00
C PRO B 148 13.49 -26.13 -11.47
N GLN B 149 13.70 -25.01 -12.16
CA GLN B 149 14.08 -25.01 -13.57
C GLN B 149 15.48 -24.40 -13.80
N GLN B 150 16.04 -24.67 -14.98
CA GLN B 150 17.39 -24.20 -15.37
C GLN B 150 18.45 -24.20 -14.25
N ASN B 151 18.95 -23.02 -13.90
CA ASN B 151 20.06 -22.95 -12.96
C ASN B 151 19.69 -23.36 -11.54
N ASN B 152 18.41 -23.23 -11.20
CA ASN B 152 17.96 -23.61 -9.86
C ASN B 152 18.07 -25.10 -9.62
N LEU B 153 18.54 -25.46 -8.44
CA LEU B 153 18.78 -26.86 -8.08
C LEU B 153 17.56 -27.43 -7.34
N GLU B 154 17.01 -26.68 -6.40
CA GLU B 154 15.73 -27.06 -5.80
C GLU B 154 14.91 -25.87 -5.32
N LEU B 155 13.63 -26.14 -5.11
CA LEU B 155 12.71 -25.16 -4.59
C LEU B 155 12.24 -25.70 -3.26
N THR B 156 12.45 -24.94 -2.19
CA THR B 156 12.15 -25.45 -0.86
C THR B 156 11.05 -24.66 -0.23
N TRP B 157 10.00 -25.32 0.22
CA TRP B 157 8.94 -24.62 0.88
C TRP B 157 9.20 -24.64 2.36
N LEU B 158 9.18 -23.46 2.96
CA LEU B 158 9.51 -23.27 4.36
C LEU B 158 8.45 -22.43 5.05
N THR B 159 8.15 -22.74 6.31
CA THR B 159 7.27 -21.92 7.11
C THR B 159 8.01 -20.62 7.35
N PRO B 160 7.25 -19.55 7.66
CA PRO B 160 7.87 -18.28 8.03
C PRO B 160 8.87 -18.48 9.15
N GLU B 161 8.49 -19.23 10.17
CA GLU B 161 9.42 -19.48 11.27
C GLU B 161 10.66 -20.21 10.75
N GLU B 162 10.47 -21.08 9.76
CA GLU B 162 11.59 -21.82 9.21
C GLU B 162 12.49 -20.90 8.37
N ALA B 163 11.87 -20.16 7.45
CA ALA B 163 12.60 -19.32 6.50
C ALA B 163 13.48 -18.28 7.18
N CYS B 164 13.09 -17.86 8.38
CA CYS B 164 13.82 -16.82 9.09
C CYS B 164 14.87 -17.38 10.05
N SER B 165 15.10 -18.69 10.00
CA SER B 165 16.22 -19.27 10.74
C SER B 165 17.56 -18.82 10.15
N PRO B 166 18.47 -18.40 11.02
CA PRO B 166 19.81 -17.91 10.68
C PRO B 166 20.47 -18.74 9.60
N ARG B 167 20.29 -20.06 9.64
CA ARG B 167 20.90 -20.97 8.69
C ARG B 167 20.52 -20.62 7.26
N ILE B 168 19.22 -20.56 7.00
CA ILE B 168 18.70 -20.25 5.66
C ILE B 168 19.03 -18.81 5.22
N LEU B 169 18.74 -17.85 6.08
CA LEU B 169 18.93 -16.44 5.74
C LEU B 169 20.36 -16.20 5.30
N ALA B 170 21.30 -16.74 6.06
CA ALA B 170 22.72 -16.62 5.77
C ALA B 170 23.07 -17.02 4.33
N HIS B 171 22.20 -17.78 3.69
CA HIS B 171 22.46 -18.21 2.32
C HIS B 171 21.78 -17.29 1.30
N GLN B 173 21.47 -13.74 -0.71
CA GLN B 173 22.47 -12.80 -1.19
C GLN B 173 21.90 -11.42 -1.36
N GLY B 174 22.80 -10.43 -1.29
CA GLY B 174 22.48 -9.07 -1.65
C GLY B 174 21.40 -8.45 -0.77
N GLY B 175 21.22 -8.98 0.43
CA GLY B 175 20.23 -8.43 1.32
C GLY B 175 18.82 -8.89 1.01
N GLN B 176 18.70 -9.93 0.19
CA GLN B 176 17.40 -10.50 -0.08
C GLN B 176 16.77 -11.14 1.15
N ASP B 177 17.62 -11.42 2.14
CA ASP B 177 17.13 -11.89 3.43
C ASP B 177 16.28 -10.80 4.07
N LEU B 179 14.73 -8.57 2.37
CA LEU B 179 13.55 -8.46 1.52
C LEU B 179 12.50 -9.48 1.93
N LEU B 180 12.95 -10.69 2.27
CA LEU B 180 12.04 -11.74 2.67
C LEU B 180 11.34 -11.34 3.97
N LYS B 181 12.11 -10.77 4.88
CA LYS B 181 11.53 -10.33 6.14
C LYS B 181 10.50 -9.25 5.88
N GLN B 182 10.82 -8.33 4.98
CA GLN B 182 9.85 -7.30 4.62
C GLN B 182 8.58 -7.91 4.05
N ALA B 183 8.73 -8.93 3.20
CA ALA B 183 7.57 -9.61 2.61
C ALA B 183 6.70 -10.21 3.72
N LEU B 184 7.33 -10.93 4.64
CA LEU B 184 6.65 -11.53 5.77
C LEU B 184 5.99 -10.49 6.68
N ALA B 185 6.73 -9.43 6.98
CA ALA B 185 6.23 -8.36 7.82
C ALA B 185 4.97 -7.77 7.20
N HIS B 186 4.97 -7.67 5.87
CA HIS B 186 3.82 -7.14 5.15
C HIS B 186 2.64 -8.12 5.14
N ALA B 187 2.93 -9.42 5.26
CA ALA B 187 1.86 -10.43 5.26
C ALA B 187 1.31 -10.71 6.67
N GLY B 188 1.80 -9.94 7.63
CA GLY B 188 1.37 -10.13 9.01
C GLY B 188 1.94 -11.43 9.54
N ARG B 189 3.01 -11.90 8.92
CA ARG B 189 3.57 -13.19 9.30
C ARG B 189 5.05 -13.18 9.63
N LEU B 190 5.63 -12.03 9.92
CA LEU B 190 7.00 -12.04 10.43
C LEU B 190 6.97 -12.71 11.80
N PRO B 191 7.83 -13.72 12.01
CA PRO B 191 7.83 -14.41 13.31
C PRO B 191 8.78 -13.82 14.31
N ASP B 192 8.69 -14.30 15.54
CA ASP B 192 9.65 -13.97 16.57
C ASP B 192 10.39 -15.21 17.06
N ARG C 34 -25.00 0.43 17.41
CA ARG C 34 -25.03 1.21 16.17
C ARG C 34 -25.03 2.70 16.42
N SER C 35 -25.62 3.12 17.54
CA SER C 35 -25.71 4.54 17.88
C SER C 35 -24.56 4.92 18.81
N LEU C 36 -23.67 3.97 19.03
CA LEU C 36 -22.69 4.12 20.10
C LEU C 36 -21.24 4.15 19.60
N LEU C 37 -20.88 3.24 18.71
CA LEU C 37 -19.49 3.14 18.23
C LEU C 37 -19.43 2.77 16.76
N PRO C 38 -18.28 3.03 16.11
CA PRO C 38 -18.09 2.58 14.72
C PRO C 38 -18.01 1.06 14.61
N LEU C 39 -18.50 0.52 13.49
CA LEU C 39 -18.46 -0.91 13.23
C LEU C 39 -17.34 -1.24 12.27
N VAL C 40 -16.59 -2.29 12.56
CA VAL C 40 -15.59 -2.81 11.63
C VAL C 40 -16.28 -3.57 10.51
N TYR C 41 -16.04 -3.15 9.28
CA TYR C 41 -16.65 -3.77 8.12
C TYR C 41 -15.56 -4.21 7.14
N VAL C 42 -15.96 -4.97 6.13
CA VAL C 42 -15.08 -5.23 5.00
C VAL C 42 -15.84 -5.02 3.71
N ASP C 43 -15.15 -4.42 2.75
CA ASP C 43 -15.66 -4.37 1.40
C ASP C 43 -14.67 -5.12 0.55
N ALA C 44 -15.20 -5.99 -0.29
CA ALA C 44 -14.38 -6.77 -1.19
C ALA C 44 -14.91 -6.49 -2.57
N VAL C 45 -14.01 -6.04 -3.45
CA VAL C 45 -14.36 -5.86 -4.84
C VAL C 45 -14.03 -7.12 -5.61
N PRO C 46 -15.07 -7.86 -6.00
CA PRO C 46 -14.88 -9.12 -6.71
C PRO C 46 -14.44 -8.80 -8.11
N VAL C 47 -13.35 -9.42 -8.56
CA VAL C 47 -12.84 -9.18 -9.89
C VAL C 47 -12.45 -10.46 -10.62
N ARG C 48 -12.56 -10.43 -11.95
CA ARG C 48 -12.00 -11.48 -12.80
C ARG C 48 -10.71 -10.96 -13.41
N VAL C 49 -9.61 -11.71 -13.26
CA VAL C 49 -8.33 -11.26 -13.80
C VAL C 49 -7.78 -12.25 -14.82
N ASP C 50 -6.93 -11.79 -15.75
CA ASP C 50 -6.20 -12.73 -16.60
C ASP C 50 -4.91 -13.20 -15.89
N GLU C 51 -4.10 -14.01 -16.57
CA GLU C 51 -2.91 -14.61 -15.93
C GLU C 51 -1.99 -13.58 -15.30
N SER C 52 -1.82 -12.45 -15.97
CA SER C 52 -0.92 -11.40 -15.53
C SER C 52 -1.51 -10.64 -14.34
N GLY C 53 -2.76 -10.92 -13.98
CA GLY C 53 -3.38 -10.24 -12.85
C GLY C 53 -4.14 -9.00 -13.29
N ASP C 54 -4.22 -8.80 -14.60
CA ASP C 54 -4.95 -7.67 -15.16
C ASP C 54 -6.44 -7.81 -14.88
N VAL C 55 -7.05 -6.79 -14.29
CA VAL C 55 -8.48 -6.88 -14.04
C VAL C 55 -9.22 -6.91 -15.39
N ILE C 56 -10.00 -7.99 -15.59
CA ILE C 56 -10.77 -8.15 -16.82
C ILE C 56 -12.22 -7.74 -16.63
N GLN C 57 -12.81 -8.10 -15.49
CA GLN C 57 -14.19 -7.72 -15.17
C GLN C 57 -14.37 -7.43 -13.69
N VAL C 58 -15.35 -6.58 -13.40
CA VAL C 58 -15.78 -6.33 -12.03
C VAL C 58 -17.13 -7.00 -11.84
N GLY C 59 -17.31 -7.62 -10.69
CA GLY C 59 -18.55 -8.32 -10.42
C GLY C 59 -19.37 -7.56 -9.40
N LEU C 60 -20.52 -7.06 -9.84
CA LEU C 60 -21.42 -6.31 -8.97
C LEU C 60 -22.70 -7.08 -8.69
N LEU C 61 -23.16 -6.99 -7.46
CA LEU C 61 -24.38 -7.66 -7.05
C LEU C 61 -25.55 -6.74 -7.31
N LEU C 62 -26.62 -7.29 -7.88
CA LEU C 62 -27.85 -6.52 -8.05
C LEU C 62 -28.92 -7.09 -7.11
N ARG C 63 -29.37 -6.27 -6.16
CA ARG C 63 -30.51 -6.64 -5.33
C ARG C 63 -31.52 -5.50 -5.26
N ALA C 64 -32.62 -5.74 -4.55
CA ALA C 64 -33.62 -4.69 -4.39
C ALA C 64 -33.34 -3.87 -3.14
N THR C 65 -33.67 -2.60 -3.18
CA THR C 65 -33.69 -1.77 -1.98
C THR C 65 -34.88 -2.18 -1.12
N GLU C 66 -35.07 -1.49 0.00
CA GLU C 66 -36.16 -1.82 0.90
C GLU C 66 -37.54 -1.67 0.25
N SER C 67 -37.64 -0.78 -0.73
CA SER C 67 -38.92 -0.50 -1.36
C SER C 67 -39.01 -1.08 -2.77
N GLY C 68 -38.33 -2.21 -2.97
CA GLY C 68 -38.40 -2.90 -4.25
C GLY C 68 -37.82 -2.13 -5.41
N HIS C 69 -36.92 -1.20 -5.13
CA HIS C 69 -36.20 -0.53 -6.20
C HIS C 69 -34.81 -1.11 -6.30
N ARG C 72 -27.10 -1.60 -6.94
CA ARG C 72 -25.93 -2.43 -7.17
C ARG C 72 -24.93 -2.22 -6.04
N ALA C 73 -24.22 -3.29 -5.66
CA ALA C 73 -23.35 -3.20 -4.50
C ALA C 73 -22.11 -4.07 -4.59
N LEU C 74 -21.17 -3.78 -3.71
CA LEU C 74 -19.97 -4.57 -3.58
C LEU C 74 -20.23 -5.56 -2.48
N VAL C 75 -19.38 -6.57 -2.39
CA VAL C 75 -19.43 -7.50 -1.28
C VAL C 75 -19.00 -6.75 -0.04
N SER C 76 -19.94 -6.57 0.89
CA SER C 76 -19.75 -5.67 2.01
C SER C 76 -20.34 -6.30 3.27
N GLY C 77 -19.60 -6.25 4.37
CA GLY C 77 -20.11 -6.80 5.60
C GLY C 77 -19.30 -6.55 6.85
N ARG C 78 -19.97 -6.72 7.98
CA ARG C 78 -19.41 -6.49 9.30
C ARG C 78 -18.36 -7.55 9.68
N VAL C 79 -17.38 -7.15 10.49
CA VAL C 79 -16.44 -8.10 11.07
C VAL C 79 -16.96 -8.47 12.45
N TYR C 81 -16.90 -10.03 16.44
CA TYR C 81 -16.05 -10.10 17.61
C TYR C 81 -15.29 -11.40 17.53
N HIS C 82 -13.99 -11.33 17.76
CA HIS C 82 -13.14 -12.52 17.73
C HIS C 82 -13.11 -13.19 16.35
N GLU C 83 -13.32 -12.40 15.31
CA GLU C 83 -13.16 -12.95 13.97
C GLU C 83 -12.04 -12.18 13.27
N ARG C 84 -11.19 -12.90 12.55
CA ARG C 84 -10.15 -12.24 11.80
C ARG C 84 -10.75 -11.62 10.54
N VAL C 85 -10.17 -10.52 10.13
CA VAL C 85 -10.61 -9.81 8.94
C VAL C 85 -10.62 -10.68 7.68
N ARG C 86 -9.51 -11.38 7.41
CA ARG C 86 -9.45 -12.20 6.19
C ARG C 86 -10.49 -13.30 6.25
N ASP C 87 -10.79 -13.78 7.46
CA ASP C 87 -11.87 -14.75 7.69
C ASP C 87 -13.23 -14.15 7.37
N ALA C 88 -13.43 -12.91 7.77
CA ALA C 88 -14.65 -12.19 7.44
C ALA C 88 -14.78 -12.08 5.93
N LEU C 89 -13.67 -11.73 5.29
CA LEU C 89 -13.57 -11.73 3.83
C LEU C 89 -14.00 -13.07 3.26
N VAL C 90 -13.43 -14.14 3.80
CA VAL C 90 -13.80 -15.47 3.38
C VAL C 90 -15.31 -15.70 3.55
N ARG C 91 -15.80 -15.43 4.75
CA ARG C 91 -17.19 -15.69 5.08
C ARG C 91 -18.13 -14.86 4.21
N HIS C 92 -17.78 -13.60 3.99
CA HIS C 92 -18.69 -12.75 3.22
C HIS C 92 -18.72 -13.11 1.74
N ILE C 93 -17.58 -13.48 1.18
CA ILE C 93 -17.52 -13.90 -0.21
C ILE C 93 -18.41 -15.11 -0.48
N GLU C 94 -18.28 -16.14 0.35
CA GLU C 94 -19.08 -17.35 0.21
C GLU C 94 -20.57 -17.00 0.30
N LYS C 95 -20.88 -16.04 1.16
CA LYS C 95 -22.27 -15.67 1.44
C LYS C 95 -22.93 -15.05 0.20
N ASP C 96 -22.19 -14.23 -0.51
CA ASP C 96 -22.76 -13.53 -1.65
C ASP C 96 -22.54 -14.26 -2.97
N LEU C 97 -21.56 -15.17 -3.00
CA LEU C 97 -21.13 -15.77 -4.26
C LEU C 97 -21.07 -17.30 -4.30
N GLY C 98 -21.19 -17.94 -3.14
CA GLY C 98 -21.19 -19.39 -3.08
C GLY C 98 -19.84 -19.97 -2.72
N PRO C 99 -19.83 -21.19 -2.16
CA PRO C 99 -18.67 -21.88 -1.54
C PRO C 99 -17.64 -22.42 -2.50
N VAL C 100 -17.81 -22.15 -3.79
CA VAL C 100 -16.83 -22.55 -4.78
C VAL C 100 -16.35 -21.35 -5.61
N ALA C 101 -16.49 -20.15 -5.06
CA ALA C 101 -16.05 -18.94 -5.77
C ALA C 101 -14.53 -18.83 -5.86
N LEU C 102 -13.84 -19.58 -5.00
CA LEU C 102 -12.39 -19.59 -4.97
C LEU C 102 -11.80 -18.20 -4.97
N PRO C 103 -12.04 -17.46 -3.90
CA PRO C 103 -11.42 -16.14 -3.79
C PRO C 103 -9.92 -16.28 -3.58
N SER C 104 -9.17 -15.32 -4.12
CA SER C 104 -7.77 -15.18 -3.76
C SER C 104 -7.69 -14.09 -2.70
N ILE C 105 -7.96 -14.48 -1.46
CA ILE C 105 -7.90 -13.56 -0.35
C ILE C 105 -6.45 -13.05 -0.24
N PRO C 106 -6.29 -11.71 -0.27
CA PRO C 106 -5.00 -11.02 -0.32
C PRO C 106 -4.13 -11.55 0.77
N ALA C 107 -2.90 -11.87 0.42
CA ALA C 107 -1.97 -12.43 1.37
C ALA C 107 -1.78 -11.42 2.49
N SER C 108 -1.86 -10.15 2.13
CA SER C 108 -1.56 -9.05 3.05
C SER C 108 -2.79 -8.35 3.62
N PRO C 109 -2.75 -8.00 4.91
CA PRO C 109 -3.92 -7.37 5.54
C PRO C 109 -4.16 -5.96 5.06
N GLN C 110 -3.13 -5.29 4.56
CA GLN C 110 -3.28 -3.92 4.08
C GLN C 110 -4.37 -3.81 3.01
N PRO C 111 -5.42 -3.02 3.30
CA PRO C 111 -6.46 -2.82 2.29
C PRO C 111 -5.99 -1.79 1.27
N PHE C 112 -6.71 -1.65 0.16
CA PHE C 112 -6.30 -0.63 -0.80
C PHE C 112 -6.76 0.73 -0.33
N THR C 113 -7.83 0.75 0.46
CA THR C 113 -8.23 1.98 1.11
C THR C 113 -9.03 1.65 2.33
N VAL C 114 -9.53 2.69 2.96
CA VAL C 114 -10.45 2.53 4.05
C VAL C 114 -11.61 3.43 3.74
N ALA C 115 -12.81 2.87 3.74
CA ALA C 115 -13.98 3.63 3.42
C ALA C 115 -14.69 3.92 4.73
N GLU C 116 -14.90 5.19 5.03
CA GLU C 116 -15.56 5.52 6.28
C GLU C 116 -16.99 5.94 6.02
N TYR C 117 -17.91 4.98 6.21
CA TYR C 117 -19.33 5.21 5.98
C TYR C 117 -19.88 5.93 7.19
N PHE C 118 -20.41 7.13 6.99
CA PHE C 118 -20.95 7.90 8.09
C PHE C 118 -22.45 7.88 8.12
N PRO C 119 -23.04 8.09 9.30
CA PRO C 119 -24.50 8.11 9.40
C PRO C 119 -25.07 9.43 8.93
N THR C 120 -24.19 10.41 8.75
CA THR C 120 -24.58 11.72 8.26
C THR C 120 -23.94 11.95 6.92
N PRO C 121 -24.76 12.22 5.90
CA PRO C 121 -24.26 12.45 4.54
C PRO C 121 -23.41 13.70 4.53
N GLY C 122 -22.45 13.78 3.61
CA GLY C 122 -21.74 15.02 3.36
C GLY C 122 -20.47 15.19 4.16
N VAL C 123 -20.12 14.17 4.93
CA VAL C 123 -18.92 14.22 5.77
C VAL C 123 -17.77 13.53 5.06
N THR C 124 -18.01 12.29 4.70
CA THR C 124 -17.04 11.54 3.92
C THR C 124 -17.73 11.23 2.61
N PRO C 125 -16.98 10.68 1.66
CA PRO C 125 -17.64 10.15 0.46
C PRO C 125 -18.52 8.93 0.78
N PHE C 126 -18.57 8.51 2.03
CA PHE C 126 -19.31 7.31 2.36
C PHE C 126 -20.40 7.50 3.42
N TYR C 127 -21.51 6.83 3.19
CA TYR C 127 -22.71 7.05 3.95
C TYR C 127 -23.51 5.77 4.11
N ASP C 128 -24.00 5.55 5.32
CA ASP C 128 -24.92 4.47 5.60
C ASP C 128 -25.83 4.94 6.70
N ASP C 129 -27.13 4.85 6.46
CA ASP C 129 -28.07 5.45 7.38
C ASP C 129 -28.11 4.72 8.70
N ARG C 130 -27.70 3.45 8.71
CA ARG C 130 -27.81 2.64 9.92
C ARG C 130 -26.74 2.93 10.94
N HIS C 131 -25.53 3.18 10.48
CA HIS C 131 -24.39 3.13 11.38
C HIS C 131 -23.22 3.98 10.91
N HIS C 132 -22.22 4.08 11.77
CA HIS C 132 -20.92 4.60 11.38
C HIS C 132 -20.07 3.36 11.22
N ALA C 133 -19.65 3.11 9.99
CA ALA C 133 -18.87 1.93 9.67
C ALA C 133 -17.53 2.34 9.07
N VAL C 134 -16.47 1.69 9.56
CA VAL C 134 -15.12 1.89 9.04
C VAL C 134 -14.69 0.58 8.37
N SER C 135 -14.55 0.60 7.05
CA SER C 135 -14.36 -0.64 6.30
C SER C 135 -12.97 -0.79 5.69
N LEU C 136 -12.39 -1.97 5.83
CA LEU C 136 -11.14 -2.26 5.15
C LEU C 136 -11.54 -2.79 3.80
N ALA C 137 -11.10 -2.14 2.74
CA ALA C 137 -11.58 -2.47 1.41
C ALA C 137 -10.51 -3.21 0.63
N TYR C 138 -10.92 -4.31 0.01
CA TYR C 138 -10.01 -5.14 -0.74
C TYR C 138 -10.56 -5.48 -2.10
N ILE C 139 -9.63 -5.66 -3.03
CA ILE C 139 -9.93 -6.23 -4.32
C ILE C 139 -9.69 -7.72 -4.20
N VAL C 140 -10.71 -8.52 -4.50
CA VAL C 140 -10.64 -9.95 -4.29
C VAL C 140 -10.96 -10.63 -5.59
N PRO C 141 -9.94 -11.23 -6.24
CA PRO C 141 -10.16 -12.02 -7.44
C PRO C 141 -10.83 -13.34 -7.09
N VAL C 142 -11.77 -13.76 -7.91
CA VAL C 142 -12.39 -15.05 -7.71
C VAL C 142 -11.88 -16.03 -8.74
N ARG C 143 -11.42 -17.17 -8.27
CA ARG C 143 -10.83 -18.15 -9.16
C ARG C 143 -11.90 -19.16 -9.58
N GLY C 144 -13.01 -19.18 -8.86
CA GLY C 144 -14.00 -20.23 -9.02
C GLY C 144 -15.26 -19.80 -9.77
N ASP C 145 -16.34 -20.55 -9.59
CA ASP C 145 -17.61 -20.19 -10.21
C ASP C 145 -18.51 -19.52 -9.20
N CYS C 146 -19.40 -18.68 -9.72
CA CYS C 146 -20.12 -17.74 -8.88
C CYS C 146 -21.58 -17.60 -9.24
N SER C 147 -22.38 -17.38 -8.21
CA SER C 147 -23.80 -17.16 -8.36
C SER C 147 -24.27 -16.34 -7.17
N PRO C 148 -25.32 -15.53 -7.41
CA PRO C 148 -25.97 -14.70 -6.40
C PRO C 148 -26.71 -15.59 -5.42
N GLN C 149 -26.69 -15.25 -4.13
CA GLN C 149 -27.27 -16.09 -3.11
C GLN C 149 -28.15 -15.27 -2.19
N GLN C 150 -29.14 -15.92 -1.60
CA GLN C 150 -29.97 -15.31 -0.57
C GLN C 150 -30.67 -14.06 -1.07
N ASN C 151 -30.28 -12.91 -0.50
CA ASN C 151 -30.85 -11.64 -0.89
C ASN C 151 -30.30 -11.11 -2.21
N ASN C 152 -29.15 -11.66 -2.64
CA ASN C 152 -28.59 -11.31 -3.95
C ASN C 152 -29.36 -11.90 -5.11
N LEU C 153 -30.00 -11.02 -5.89
CA LEU C 153 -30.80 -11.44 -7.03
C LEU C 153 -29.95 -11.86 -8.22
N GLU C 154 -28.93 -11.06 -8.50
CA GLU C 154 -28.13 -11.21 -9.71
C GLU C 154 -26.67 -10.91 -9.41
N LEU C 155 -25.79 -11.35 -10.30
CA LEU C 155 -24.35 -11.06 -10.17
C LEU C 155 -23.85 -10.70 -11.56
N THR C 156 -23.46 -9.45 -11.76
CA THR C 156 -23.14 -8.96 -13.10
C THR C 156 -21.65 -8.73 -13.30
N TRP C 157 -21.07 -9.38 -14.29
CA TRP C 157 -19.67 -9.14 -14.65
C TRP C 157 -19.64 -8.06 -15.71
N LEU C 158 -18.90 -7.00 -15.40
CA LEU C 158 -18.83 -5.83 -16.24
C LEU C 158 -17.37 -5.46 -16.46
N THR C 159 -17.03 -5.01 -17.66
CA THR C 159 -15.69 -4.46 -17.89
C THR C 159 -15.65 -3.14 -17.12
N PRO C 160 -14.43 -2.63 -16.85
CA PRO C 160 -14.27 -1.35 -16.18
C PRO C 160 -15.06 -0.22 -16.86
N GLU C 161 -15.05 -0.20 -18.19
CA GLU C 161 -15.85 0.79 -18.91
C GLU C 161 -17.31 0.63 -18.56
N GLU C 162 -17.78 -0.62 -18.53
CA GLU C 162 -19.18 -0.92 -18.27
C GLU C 162 -19.56 -0.58 -16.84
N ALA C 163 -18.72 -1.02 -15.90
CA ALA C 163 -18.97 -0.81 -14.48
C ALA C 163 -19.07 0.67 -14.15
N CYS C 164 -18.36 1.49 -14.91
CA CYS C 164 -18.32 2.92 -14.66
C CYS C 164 -19.28 3.65 -15.58
N SER C 165 -20.24 2.94 -16.13
CA SER C 165 -21.35 3.58 -16.81
C SER C 165 -22.15 4.28 -15.72
N PRO C 166 -22.64 5.47 -16.00
CA PRO C 166 -23.41 6.20 -14.99
C PRO C 166 -24.61 5.37 -14.55
N ARG C 167 -25.29 4.75 -15.52
CA ARG C 167 -26.44 3.90 -15.23
C ARG C 167 -26.11 2.86 -14.17
N ILE C 168 -24.87 2.37 -14.22
CA ILE C 168 -24.43 1.36 -13.26
C ILE C 168 -24.11 2.02 -11.93
N LEU C 169 -23.25 3.03 -11.97
CA LEU C 169 -22.81 3.73 -10.77
C LEU C 169 -24.01 4.28 -10.03
N ALA C 170 -24.97 4.77 -10.80
CA ALA C 170 -26.19 5.36 -10.24
C ALA C 170 -26.89 4.33 -9.37
N HIS C 171 -26.89 3.09 -9.83
CA HIS C 171 -27.57 2.04 -9.11
C HIS C 171 -26.88 1.74 -7.79
N GLN C 173 -24.99 2.52 -4.03
CA GLN C 173 -25.52 3.20 -2.87
C GLN C 173 -24.47 3.60 -1.86
N GLY C 174 -24.78 4.61 -1.06
CA GLY C 174 -23.93 5.00 0.04
C GLY C 174 -22.52 5.39 -0.35
N GLY C 175 -22.30 5.62 -1.63
CA GLY C 175 -20.98 6.03 -2.10
C GLY C 175 -20.12 4.88 -2.56
N GLN C 176 -20.69 3.68 -2.60
CA GLN C 176 -19.91 2.54 -3.04
C GLN C 176 -19.47 2.69 -4.49
N ASP C 177 -20.13 3.57 -5.24
CA ASP C 177 -19.67 3.83 -6.59
C ASP C 177 -18.28 4.43 -6.58
N LEU C 179 -16.03 4.03 -4.09
CA LEU C 179 -15.12 3.01 -3.59
C LEU C 179 -14.76 2.09 -4.73
N LEU C 180 -15.75 1.80 -5.57
CA LEU C 180 -15.55 1.04 -6.80
C LEU C 180 -14.49 1.73 -7.65
N LYS C 181 -14.65 3.04 -7.85
CA LYS C 181 -13.70 3.78 -8.67
C LYS C 181 -12.30 3.78 -8.06
N GLN C 182 -12.22 3.88 -6.75
CA GLN C 182 -10.92 3.81 -6.07
C GLN C 182 -10.30 2.44 -6.21
N ALA C 183 -11.14 1.42 -6.28
CA ALA C 183 -10.67 0.06 -6.48
C ALA C 183 -10.06 -0.09 -7.87
N LEU C 184 -10.82 0.35 -8.88
CA LEU C 184 -10.32 0.34 -10.24
C LEU C 184 -9.03 1.13 -10.36
N ALA C 185 -9.04 2.34 -9.79
CA ALA C 185 -7.87 3.20 -9.86
C ALA C 185 -6.67 2.46 -9.26
N HIS C 186 -6.90 1.77 -8.15
CA HIS C 186 -5.84 1.05 -7.46
C HIS C 186 -5.27 -0.10 -8.30
N ALA C 187 -6.13 -0.75 -9.08
CA ALA C 187 -5.70 -1.86 -9.91
C ALA C 187 -5.17 -1.38 -11.26
N GLY C 188 -5.03 -0.07 -11.39
CA GLY C 188 -4.57 0.52 -12.63
C GLY C 188 -5.52 0.32 -13.79
N ARG C 189 -6.83 0.32 -13.52
CA ARG C 189 -7.79 0.07 -14.58
C ARG C 189 -9.03 0.96 -14.45
N LEU C 190 -8.86 2.17 -13.95
CA LEU C 190 -9.98 3.10 -14.02
C LEU C 190 -10.05 3.64 -15.43
N PRO C 191 -11.24 3.57 -16.06
CA PRO C 191 -11.36 3.98 -17.46
C PRO C 191 -11.36 5.48 -17.63
N ASP C 192 -10.87 5.95 -18.77
CA ASP C 192 -11.06 7.35 -19.16
C ASP C 192 -12.20 7.42 -20.14
N LEU C 193 -13.19 8.26 -19.86
CA LEU C 193 -14.40 8.25 -20.67
C LEU C 193 -14.87 9.64 -21.09
N SER D 35 -18.19 -6.18 25.27
CA SER D 35 -17.53 -7.43 24.92
C SER D 35 -18.33 -8.20 23.88
N LEU D 36 -19.20 -7.49 23.18
CA LEU D 36 -19.97 -8.09 22.10
C LEU D 36 -19.46 -7.58 20.76
N LEU D 37 -18.57 -6.59 20.81
CA LEU D 37 -18.13 -5.91 19.59
C LEU D 37 -16.61 -5.86 19.48
N PRO D 38 -16.12 -5.87 18.24
CA PRO D 38 -14.73 -5.49 17.95
C PRO D 38 -14.66 -3.97 17.81
N LEU D 39 -13.59 -3.36 18.32
CA LEU D 39 -13.44 -1.90 18.35
C LEU D 39 -12.54 -1.38 17.24
N VAL D 40 -12.97 -0.31 16.57
CA VAL D 40 -12.13 0.37 15.59
C VAL D 40 -11.03 1.16 16.30
N TYR D 41 -9.79 0.91 15.93
CA TYR D 41 -8.66 1.45 16.65
C TYR D 41 -7.65 2.05 15.68
N VAL D 42 -6.75 2.88 16.19
CA VAL D 42 -5.59 3.27 15.41
C VAL D 42 -4.36 3.08 16.25
N ASP D 43 -3.26 2.85 15.54
CA ASP D 43 -1.95 2.82 16.14
C ASP D 43 -1.09 3.77 15.35
N ALA D 44 -0.33 4.59 16.04
CA ALA D 44 0.55 5.50 15.36
C ALA D 44 1.97 5.17 15.75
N VAL D 45 2.83 5.07 14.75
CA VAL D 45 4.25 4.95 15.01
C VAL D 45 4.87 6.30 14.70
N PRO D 46 5.22 7.07 15.75
CA PRO D 46 5.79 8.40 15.61
C PRO D 46 7.26 8.29 15.24
N VAL D 47 7.66 9.01 14.20
CA VAL D 47 9.02 8.92 13.72
C VAL D 47 9.63 10.29 13.42
N ARG D 48 10.94 10.36 13.56
CA ARG D 48 11.68 11.51 13.08
C ARG D 48 12.33 11.14 11.75
N VAL D 49 11.92 11.80 10.68
CA VAL D 49 12.50 11.46 9.39
C VAL D 49 13.46 12.56 8.97
N ASP D 50 14.44 12.23 8.14
CA ASP D 50 15.32 13.25 7.59
C ASP D 50 14.64 13.94 6.40
N GLU D 51 15.39 14.73 5.63
CA GLU D 51 14.81 15.48 4.51
C GLU D 51 14.21 14.53 3.47
N SER D 52 14.77 13.32 3.41
CA SER D 52 14.40 12.36 2.38
C SER D 52 13.34 11.37 2.90
N GLY D 53 12.69 11.69 4.01
CA GLY D 53 11.63 10.85 4.56
C GLY D 53 12.17 9.65 5.31
N ASP D 54 13.48 9.45 5.19
CA ASP D 54 14.16 8.34 5.83
C ASP D 54 13.96 8.38 7.34
N VAL D 55 13.46 7.29 7.89
CA VAL D 55 13.26 7.21 9.33
C VAL D 55 14.59 7.07 10.08
N ILE D 56 14.86 8.02 10.98
CA ILE D 56 16.12 8.03 11.70
C ILE D 56 15.90 7.57 13.14
N GLN D 57 14.77 7.95 13.71
CA GLN D 57 14.40 7.52 15.06
C GLN D 57 12.91 7.31 15.19
N VAL D 58 12.54 6.29 15.96
CA VAL D 58 11.15 6.10 16.33
C VAL D 58 10.99 6.52 17.79
N GLY D 59 9.81 7.02 18.14
CA GLY D 59 9.58 7.44 19.51
C GLY D 59 8.75 6.45 20.29
N LEU D 60 9.22 6.07 21.47
CA LEU D 60 8.48 5.15 22.32
C LEU D 60 8.01 5.81 23.60
N LEU D 61 6.72 5.65 23.87
CA LEU D 61 6.09 6.23 25.05
C LEU D 61 6.21 5.29 26.23
N LEU D 62 6.85 5.75 27.30
CA LEU D 62 7.00 4.90 28.46
C LEU D 62 5.79 5.05 29.38
N ARG D 63 5.33 3.91 29.91
CA ARG D 63 4.12 3.87 30.73
C ARG D 63 4.28 2.88 31.87
N ALA D 64 3.36 2.96 32.83
CA ALA D 64 3.30 1.98 33.90
C ALA D 64 2.22 0.93 33.60
N THR D 65 2.51 -0.33 33.91
CA THR D 65 1.50 -1.39 33.87
C THR D 65 0.60 -1.24 35.08
N GLU D 66 -0.54 -1.94 35.07
CA GLU D 66 -1.45 -1.92 36.19
C GLU D 66 -0.71 -2.28 37.47
N SER D 67 0.20 -3.22 37.34
CA SER D 67 0.98 -3.71 38.47
C SER D 67 2.18 -2.82 38.72
N GLY D 68 2.41 -1.89 37.81
CA GLY D 68 3.50 -0.95 37.96
C GLY D 68 4.84 -1.49 37.50
N HIS D 69 4.81 -2.28 36.44
CA HIS D 69 6.04 -2.60 35.73
C HIS D 69 6.19 -1.48 34.73
N ARG D 72 6.78 0.20 27.42
CA ARG D 72 6.89 1.19 26.36
C ARG D 72 5.81 0.95 25.31
N ALA D 73 5.42 2.00 24.60
CA ALA D 73 4.18 1.95 23.83
C ALA D 73 4.20 2.80 22.56
N LEU D 74 3.34 2.43 21.62
CA LEU D 74 3.07 3.25 20.44
C LEU D 74 1.88 4.13 20.78
N VAL D 75 1.45 4.93 19.82
CA VAL D 75 0.27 5.76 20.03
C VAL D 75 -0.93 4.96 19.56
N SER D 76 -1.77 4.55 20.50
CA SER D 76 -2.90 3.67 20.22
C SER D 76 -4.10 3.99 21.10
N GLY D 77 -5.26 4.03 20.45
CA GLY D 77 -6.49 4.35 21.15
C GLY D 77 -7.64 4.24 20.19
N ARG D 78 -8.83 4.40 20.73
CA ARG D 78 -10.07 4.18 20.00
C ARG D 78 -10.38 5.31 19.02
N VAL D 79 -11.11 4.99 17.96
CA VAL D 79 -11.70 6.01 17.11
C VAL D 79 -13.14 6.19 17.54
N TYR D 81 -17.09 7.37 17.91
CA TYR D 81 -18.23 7.39 17.01
C TYR D 81 -18.28 8.73 16.31
N HIS D 82 -18.55 8.72 15.01
CA HIS D 82 -18.62 9.93 14.21
C HIS D 82 -17.27 10.67 14.08
N GLU D 83 -16.17 10.00 14.43
CA GLU D 83 -14.84 10.59 14.28
C GLU D 83 -14.10 9.93 13.12
N ARG D 84 -13.50 10.74 12.25
CA ARG D 84 -12.72 10.19 11.14
C ARG D 84 -11.43 9.59 11.65
N VAL D 85 -10.93 8.59 10.92
CA VAL D 85 -9.65 7.99 11.26
C VAL D 85 -8.52 9.02 11.38
N ARG D 86 -8.35 9.86 10.36
CA ARG D 86 -7.25 10.81 10.38
C ARG D 86 -7.37 11.78 11.56
N ASP D 87 -8.60 12.07 11.96
CA ASP D 87 -8.84 12.93 13.10
C ASP D 87 -8.56 12.26 14.43
N ALA D 88 -8.81 10.96 14.50
CA ALA D 88 -8.53 10.23 15.72
C ALA D 88 -7.02 10.11 15.84
N LEU D 89 -6.38 10.09 14.67
CA LEU D 89 -4.94 10.02 14.58
C LEU D 89 -4.33 11.29 15.18
N VAL D 90 -4.81 12.43 14.72
CA VAL D 90 -4.41 13.70 15.31
C VAL D 90 -4.66 13.69 16.82
N ARG D 91 -5.88 13.32 17.20
CA ARG D 91 -6.32 13.41 18.59
C ARG D 91 -5.45 12.59 19.52
N HIS D 92 -5.13 11.37 19.14
CA HIS D 92 -4.29 10.53 20.01
C HIS D 92 -2.82 10.91 19.96
N ILE D 93 -2.38 11.51 18.85
CA ILE D 93 -1.02 12.03 18.80
C ILE D 93 -0.91 13.25 19.72
N GLU D 94 -1.86 14.18 19.58
CA GLU D 94 -1.95 15.32 20.46
C GLU D 94 -2.11 14.83 21.90
N LYS D 95 -2.97 13.84 22.09
CA LYS D 95 -3.23 13.23 23.39
C LYS D 95 -1.94 12.78 24.07
N ASP D 96 -0.97 12.35 23.29
CA ASP D 96 0.24 11.79 23.86
C ASP D 96 1.51 12.66 23.67
N LEU D 97 1.64 13.29 22.51
CA LEU D 97 2.87 14.02 22.19
C LEU D 97 2.81 15.53 22.46
N GLY D 98 1.65 16.01 22.91
CA GLY D 98 1.44 17.43 23.12
C GLY D 98 0.82 18.07 21.89
N PRO D 99 0.58 19.40 21.94
CA PRO D 99 -0.04 20.16 20.84
C PRO D 99 0.96 20.72 19.83
N VAL D 100 2.24 20.44 20.06
CA VAL D 100 3.29 20.96 19.19
C VAL D 100 3.99 19.89 18.37
N ALA D 101 3.50 18.66 18.41
CA ALA D 101 4.16 17.55 17.74
C ALA D 101 4.19 17.70 16.22
N LEU D 102 3.18 18.41 15.71
CA LEU D 102 3.00 18.57 14.27
C LEU D 102 3.16 17.26 13.52
N PRO D 103 2.21 16.36 13.75
CA PRO D 103 2.27 15.05 13.10
C PRO D 103 1.93 15.20 11.62
N SER D 104 2.68 14.50 10.79
CA SER D 104 2.33 14.42 9.40
C SER D 104 1.40 13.23 9.20
N ILE D 105 0.10 13.49 9.34
CA ILE D 105 -0.91 12.49 9.09
C ILE D 105 -0.91 12.22 7.59
N PRO D 106 -0.89 10.93 7.19
CA PRO D 106 -0.80 10.54 5.79
C PRO D 106 -2.03 10.97 5.06
N ALA D 107 -1.86 11.46 3.84
CA ALA D 107 -2.97 11.87 2.99
C ALA D 107 -3.85 10.67 2.67
N SER D 108 -3.20 9.53 2.46
CA SER D 108 -3.93 8.31 2.12
C SER D 108 -4.43 7.62 3.34
N PRO D 109 -5.71 7.19 3.29
CA PRO D 109 -6.22 6.32 4.35
C PRO D 109 -5.67 4.91 4.30
N GLN D 110 -4.81 4.55 3.34
CA GLN D 110 -4.24 3.20 3.35
C GLN D 110 -3.19 3.07 4.45
N PRO D 111 -3.49 2.25 5.49
CA PRO D 111 -2.53 2.05 6.57
C PRO D 111 -1.39 1.14 6.13
N PHE D 112 -0.26 1.15 6.84
CA PHE D 112 0.81 0.26 6.46
C PHE D 112 0.46 -1.20 6.79
N THR D 113 -0.42 -1.39 7.77
CA THR D 113 -0.98 -2.71 8.03
C THR D 113 -2.18 -2.60 8.91
N VAL D 114 -2.84 -3.73 9.12
CA VAL D 114 -3.97 -3.79 10.01
C VAL D 114 -3.68 -4.77 11.16
N ALA D 115 -3.57 -4.25 12.37
CA ALA D 115 -3.18 -5.07 13.52
C ALA D 115 -4.40 -5.48 14.35
N GLU D 116 -4.64 -6.79 14.45
CA GLU D 116 -5.81 -7.31 15.16
C GLU D 116 -5.49 -7.82 16.57
N TYR D 117 -5.70 -6.98 17.57
CA TYR D 117 -5.54 -7.39 18.96
C TYR D 117 -6.74 -8.25 19.33
N PHE D 118 -6.57 -9.57 19.32
CA PHE D 118 -7.64 -10.45 19.76
C PHE D 118 -7.65 -10.52 21.26
N PRO D 119 -8.84 -10.70 21.86
CA PRO D 119 -8.90 -10.78 23.32
C PRO D 119 -8.36 -12.12 23.81
N THR D 120 -7.95 -12.95 22.86
CA THR D 120 -7.35 -14.23 23.15
C THR D 120 -5.95 -14.18 22.58
N PRO D 121 -4.95 -14.61 23.37
CA PRO D 121 -3.59 -14.58 22.82
C PRO D 121 -3.42 -15.61 21.73
N GLY D 122 -2.47 -15.39 20.83
CA GLY D 122 -2.09 -16.41 19.87
C GLY D 122 -3.02 -16.57 18.69
N VAL D 123 -4.14 -15.87 18.67
CA VAL D 123 -5.03 -15.93 17.53
C VAL D 123 -4.39 -15.16 16.38
N THR D 124 -3.74 -14.06 16.74
CA THR D 124 -2.97 -13.27 15.79
C THR D 124 -1.69 -12.90 16.53
N PRO D 125 -0.76 -12.24 15.85
CA PRO D 125 0.42 -11.80 16.62
C PRO D 125 0.10 -10.81 17.75
N PHE D 126 -1.13 -10.31 17.84
CA PHE D 126 -1.46 -9.28 18.82
C PHE D 126 -2.57 -9.73 19.78
N TYR D 127 -2.63 -9.08 20.94
CA TYR D 127 -3.54 -9.50 21.99
C TYR D 127 -3.80 -8.38 22.98
N ASP D 128 -5.01 -8.39 23.53
CA ASP D 128 -5.43 -7.38 24.49
C ASP D 128 -6.55 -8.01 25.32
N ASP D 129 -6.27 -8.31 26.58
CA ASP D 129 -7.27 -8.97 27.39
C ASP D 129 -8.52 -8.11 27.53
N ARG D 130 -8.37 -6.80 27.37
CA ARG D 130 -9.52 -5.94 27.54
C ARG D 130 -10.55 -6.19 26.47
N HIS D 131 -10.11 -6.44 25.23
CA HIS D 131 -11.06 -6.71 24.15
C HIS D 131 -10.46 -7.08 22.80
N HIS D 132 -11.29 -6.94 21.77
CA HIS D 132 -10.90 -7.17 20.40
C HIS D 132 -10.84 -5.83 19.71
N ALA D 133 -9.65 -5.45 19.24
CA ALA D 133 -9.46 -4.16 18.61
C ALA D 133 -8.86 -4.33 17.22
N VAL D 134 -9.57 -3.83 16.21
CA VAL D 134 -9.11 -3.85 14.82
C VAL D 134 -8.36 -2.54 14.57
N SER D 135 -7.03 -2.60 14.62
CA SER D 135 -6.22 -1.37 14.70
C SER D 135 -5.58 -1.00 13.37
N LEU D 136 -5.88 0.20 12.87
CA LEU D 136 -5.30 0.67 11.62
C LEU D 136 -3.97 1.36 11.91
N ALA D 137 -2.89 0.80 11.38
CA ALA D 137 -1.55 1.23 11.72
C ALA D 137 -0.94 2.16 10.70
N TYR D 138 -0.42 3.29 11.18
CA TYR D 138 0.22 4.28 10.35
C TYR D 138 1.55 4.72 10.91
N ILE D 139 2.46 5.03 9.98
CA ILE D 139 3.67 5.74 10.33
C ILE D 139 3.34 7.24 10.31
N VAL D 140 3.70 7.92 11.38
CA VAL D 140 3.36 9.32 11.52
C VAL D 140 4.62 10.10 11.83
N PRO D 141 5.18 10.75 10.82
CA PRO D 141 6.30 11.66 11.04
C PRO D 141 5.87 12.82 11.93
N VAL D 142 6.66 13.08 12.96
CA VAL D 142 6.43 14.24 13.79
C VAL D 142 7.50 15.24 13.42
N ARG D 143 7.09 16.48 13.18
N ARG D 143 7.09 16.48 13.18
CA ARG D 143 8.03 17.45 12.68
CA ARG D 143 8.00 17.49 12.66
C ARG D 143 8.32 18.55 13.69
C ARG D 143 8.43 18.50 13.71
N GLY D 144 7.99 18.30 14.95
CA GLY D 144 8.24 19.28 16.00
C GLY D 144 8.46 18.79 17.42
N ASP D 145 8.15 19.65 18.38
CA ASP D 145 8.36 19.37 19.78
C ASP D 145 7.37 18.36 20.28
N CYS D 146 7.89 17.32 20.93
CA CYS D 146 7.07 16.26 21.43
C CYS D 146 7.41 16.09 22.89
N SER D 147 6.46 16.46 23.73
CA SER D 147 6.63 16.31 25.16
C SER D 147 5.65 15.29 25.69
N PRO D 148 6.15 14.40 26.57
CA PRO D 148 5.37 13.35 27.22
C PRO D 148 4.30 14.00 28.07
N GLN D 149 3.05 13.55 27.95
CA GLN D 149 1.97 14.16 28.72
C GLN D 149 0.94 13.13 29.26
N GLN D 150 0.70 13.20 30.57
CA GLN D 150 -0.34 12.43 31.31
C GLN D 150 0.01 11.00 31.73
N ASN D 151 -0.61 10.01 31.08
CA ASN D 151 -0.39 8.61 31.42
C ASN D 151 1.02 8.16 31.13
N ASN D 152 1.68 8.84 30.21
CA ASN D 152 3.06 8.53 29.85
C ASN D 152 4.08 9.26 30.71
N LEU D 153 5.21 8.61 30.95
CA LEU D 153 6.22 9.12 31.86
C LEU D 153 7.44 9.64 31.15
N GLU D 154 7.58 9.32 29.86
CA GLU D 154 8.83 9.51 29.16
C GLU D 154 8.59 9.23 27.69
N LEU D 155 9.15 10.07 26.82
CA LEU D 155 9.07 9.84 25.39
C LEU D 155 10.45 9.54 24.87
N THR D 156 10.68 8.28 24.49
CA THR D 156 12.03 7.83 24.19
C THR D 156 12.28 7.73 22.68
N TRP D 157 13.16 8.58 22.17
CA TRP D 157 13.54 8.53 20.75
C TRP D 157 14.73 7.63 20.56
N LEU D 158 14.56 6.64 19.70
CA LEU D 158 15.53 5.56 19.52
C LEU D 158 15.73 5.28 18.03
N THR D 159 16.98 5.14 17.60
CA THR D 159 17.23 4.70 16.22
C THR D 159 16.60 3.33 16.02
N PRO D 160 16.44 2.92 14.75
CA PRO D 160 15.86 1.59 14.49
C PRO D 160 16.62 0.43 15.14
N GLU D 161 17.96 0.45 15.09
CA GLU D 161 18.71 -0.63 15.70
C GLU D 161 18.54 -0.68 17.20
N GLU D 162 18.38 0.50 17.81
CA GLU D 162 18.15 0.60 19.25
C GLU D 162 16.79 0.05 19.59
N ALA D 163 15.82 0.39 18.75
CA ALA D 163 14.42 0.06 18.98
C ALA D 163 14.14 -1.44 19.04
N CYS D 164 14.89 -2.21 18.24
CA CYS D 164 14.67 -3.64 18.14
C CYS D 164 15.55 -4.44 19.08
N SER D 165 16.17 -3.77 20.05
CA SER D 165 16.96 -4.50 21.04
C SER D 165 15.95 -5.27 21.86
N PRO D 166 16.23 -6.57 22.09
CA PRO D 166 15.37 -7.47 22.85
C PRO D 166 14.97 -6.86 24.19
N ARG D 167 15.86 -6.06 24.78
CA ARG D 167 15.54 -5.28 25.96
C ARG D 167 14.25 -4.54 25.74
N ILE D 168 14.30 -3.63 24.78
CA ILE D 168 13.23 -2.70 24.49
C ILE D 168 11.95 -3.43 24.11
N LEU D 169 12.03 -4.25 23.09
CA LEU D 169 10.88 -4.98 22.59
C LEU D 169 10.18 -5.73 23.71
N ALA D 170 10.96 -6.35 24.57
CA ALA D 170 10.40 -7.09 25.71
C ALA D 170 9.41 -6.21 26.45
N HIS D 171 9.75 -4.94 26.56
CA HIS D 171 8.95 -4.01 27.35
C HIS D 171 7.65 -3.64 26.65
N GLN D 173 3.92 -4.58 25.01
CA GLN D 173 2.88 -5.56 25.24
C GLN D 173 1.90 -5.60 24.10
N GLY D 174 1.09 -6.65 24.07
CA GLY D 174 0.09 -6.81 23.04
C GLY D 174 0.72 -7.02 21.68
N GLY D 175 2.02 -7.29 21.67
CA GLY D 175 2.71 -7.60 20.44
C GLY D 175 3.09 -6.34 19.67
N GLN D 176 3.10 -5.22 20.36
CA GLN D 176 3.42 -3.99 19.68
C GLN D 176 4.86 -4.00 19.22
N ASP D 177 5.68 -4.83 19.87
CA ASP D 177 7.04 -5.03 19.40
C ASP D 177 6.98 -5.54 17.97
N LEU D 179 4.46 -4.97 15.91
CA LEU D 179 3.92 -3.89 15.10
C LEU D 179 5.05 -2.93 14.77
N LEU D 180 5.93 -2.70 15.73
CA LEU D 180 7.03 -1.77 15.55
C LEU D 180 7.94 -2.25 14.45
N LYS D 181 8.17 -3.56 14.40
CA LYS D 181 9.00 -4.15 13.37
C LYS D 181 8.37 -4.06 11.99
N GLN D 182 7.07 -4.34 11.92
CA GLN D 182 6.36 -4.24 10.65
C GLN D 182 6.46 -2.83 10.11
N ALA D 183 6.37 -1.86 11.01
CA ALA D 183 6.48 -0.45 10.64
C ALA D 183 7.86 -0.15 10.07
N LEU D 184 8.89 -0.57 10.78
CA LEU D 184 10.26 -0.41 10.32
C LEU D 184 10.49 -1.10 8.98
N ALA D 185 9.99 -2.33 8.88
CA ALA D 185 10.11 -3.10 7.65
C ALA D 185 9.45 -2.35 6.50
N HIS D 186 8.25 -1.86 6.75
CA HIS D 186 7.54 -1.10 5.73
C HIS D 186 8.34 0.15 5.35
N ALA D 187 9.16 0.65 6.27
CA ALA D 187 9.95 1.86 6.02
C ALA D 187 11.28 1.53 5.34
N GLY D 188 11.56 0.24 5.18
CA GLY D 188 12.82 -0.20 4.61
C GLY D 188 13.94 -0.12 5.63
N ARG D 189 13.55 0.01 6.89
CA ARG D 189 14.52 0.35 7.92
C ARG D 189 14.56 -0.68 9.03
N LEU D 190 13.94 -1.83 8.79
CA LEU D 190 14.11 -2.92 9.72
C LEU D 190 15.58 -3.33 9.73
N PRO D 191 16.17 -3.42 10.92
CA PRO D 191 17.61 -3.69 11.10
C PRO D 191 18.00 -5.16 10.94
N ASP D 192 19.11 -5.40 10.26
CA ASP D 192 19.69 -6.73 10.18
C ASP D 192 20.68 -6.94 11.30
N LEU D 193 20.35 -7.83 12.23
CA LEU D 193 21.18 -8.04 13.40
C LEU D 193 21.75 -9.44 13.44
#